data_8JN0
#
_entry.id   8JN0
#
_cell.length_a   45.045
_cell.length_b   45.045
_cell.length_c   91.378
_cell.angle_alpha   90.000
_cell.angle_beta   90.000
_cell.angle_gamma   120.000
#
_symmetry.space_group_name_H-M   'P 65'
#
loop_
_entity.id
_entity.type
_entity.pdbx_description
1 polymer Alpha-amylase
2 water water
#
_entity_poly.entity_id   1
_entity_poly.type   'polypeptide(L)'
_entity_poly.pdbx_seq_one_letter_code
;QVYDKVVLRGESPLRWDGENHPLTFDESEGLWKSEPVTLSGGIQFEYKFVMDNEWLAGDNLRFQVPQTGDYVFYFDPSDQ
RKVDVRPVT
;
_entity_poly.pdbx_strand_id   A
#
# COMPACT_ATOMS: atom_id res chain seq x y z
N GLN A 1 -14.95 5.46 3.10
CA GLN A 1 -14.29 4.38 3.83
C GLN A 1 -14.48 3.04 3.13
N VAL A 2 -15.73 2.54 3.12
CA VAL A 2 -16.19 1.39 2.32
C VAL A 2 -15.96 0.06 3.02
N TYR A 3 -14.74 -0.17 3.47
CA TYR A 3 -14.31 -1.44 4.04
C TYR A 3 -14.08 -1.30 5.54
N ASP A 4 -14.14 -2.44 6.23
CA ASP A 4 -13.78 -2.50 7.64
C ASP A 4 -12.27 -2.54 7.85
N LYS A 5 -11.56 -3.19 6.94
CA LYS A 5 -10.12 -3.30 7.04
C LYS A 5 -9.53 -3.36 5.65
N VAL A 6 -8.32 -2.84 5.53
CA VAL A 6 -7.51 -2.96 4.32
C VAL A 6 -6.09 -3.22 4.78
N VAL A 7 -5.42 -4.17 4.14
CA VAL A 7 -4.04 -4.47 4.46
C VAL A 7 -3.19 -4.43 3.19
N LEU A 8 -1.90 -4.23 3.40
CA LEU A 8 -0.92 -4.10 2.32
C LEU A 8 -0.09 -5.37 2.27
N ARG A 9 0.02 -5.95 1.08
CA ARG A 9 0.85 -7.13 0.86
C ARG A 9 1.76 -6.89 -0.34
N GLY A 10 2.87 -7.61 -0.39
CA GLY A 10 3.74 -7.47 -1.54
C GLY A 10 5.10 -8.08 -1.30
N GLU A 11 6.07 -7.62 -2.08
CA GLU A 11 7.43 -8.10 -1.99
C GLU A 11 8.09 -7.59 -0.70
N SER A 12 9.20 -8.21 -0.35
CA SER A 12 9.95 -7.80 0.84
C SER A 12 10.23 -6.29 0.78
N PRO A 13 10.06 -5.56 1.90
CA PRO A 13 9.85 -6.08 3.26
C PRO A 13 8.41 -6.41 3.59
N LEU A 14 7.49 -6.25 2.64
CA LEU A 14 6.14 -6.74 2.85
C LEU A 14 6.12 -8.26 2.74
N ARG A 15 4.95 -8.85 2.97
CA ARG A 15 4.70 -10.27 2.72
C ARG A 15 3.46 -10.39 1.86
N TRP A 16 3.30 -11.56 1.22
CA TRP A 16 2.10 -11.80 0.44
C TRP A 16 1.00 -12.44 1.25
N ASP A 17 1.30 -12.78 2.50
CA ASP A 17 0.33 -13.32 3.44
C ASP A 17 0.25 -12.42 4.67
N GLY A 18 -0.71 -12.73 5.53
CA GLY A 18 -0.76 -12.10 6.83
C GLY A 18 -1.24 -10.65 6.79
N GLU A 19 -1.17 -10.03 7.96
CA GLU A 19 -1.64 -8.67 8.20
C GLU A 19 -0.59 -7.87 8.93
N ASN A 20 0.66 -7.99 8.47
CA ASN A 20 1.76 -7.27 9.11
C ASN A 20 1.75 -5.79 8.79
N HIS A 21 1.07 -5.39 7.71
CA HIS A 21 0.99 -3.99 7.30
C HIS A 21 -0.46 -3.58 7.11
N PRO A 22 -1.22 -3.49 8.20
CA PRO A 22 -2.60 -2.99 8.10
C PRO A 22 -2.60 -1.50 7.74
N LEU A 23 -3.60 -1.09 6.98
CA LEU A 23 -3.83 0.33 6.76
C LEU A 23 -4.84 0.86 7.77
N THR A 24 -4.78 2.16 8.01
CA THR A 24 -5.76 2.83 8.86
C THR A 24 -6.44 3.88 8.00
N PHE A 25 -7.76 4.01 8.13
CA PHE A 25 -8.47 5.02 7.35
C PHE A 25 -8.22 6.40 7.94
N ASP A 26 -7.65 7.28 7.14
CA ASP A 26 -7.45 8.66 7.55
C ASP A 26 -8.70 9.45 7.20
N GLU A 27 -9.48 9.78 8.23
CA GLU A 27 -10.79 10.42 8.03
C GLU A 27 -10.67 11.78 7.37
N SER A 28 -9.67 12.57 7.76
CA SER A 28 -9.55 13.93 7.22
C SER A 28 -9.13 13.92 5.76
N GLU A 29 -8.30 12.96 5.36
CA GLU A 29 -7.90 12.84 3.97
C GLU A 29 -8.85 11.99 3.14
N GLY A 30 -9.65 11.13 3.78
CA GLY A 30 -10.54 10.23 3.08
C GLY A 30 -9.87 9.08 2.37
N LEU A 31 -8.69 8.66 2.83
CA LEU A 31 -7.92 7.60 2.18
C LEU A 31 -7.38 6.67 3.25
N TRP A 32 -7.17 5.41 2.87
CA TRP A 32 -6.49 4.45 3.73
C TRP A 32 -4.98 4.63 3.57
N LYS A 33 -4.26 4.56 4.67
CA LYS A 33 -2.82 4.80 4.71
C LYS A 33 -2.13 3.71 5.52
N SER A 34 -0.97 3.28 5.05
CA SER A 34 -0.12 2.37 5.80
C SER A 34 0.75 3.14 6.78
N GLU A 35 1.42 2.38 7.64
CA GLU A 35 2.56 2.89 8.38
C GLU A 35 3.73 3.04 7.41
N PRO A 36 4.75 3.81 7.79
CA PRO A 36 5.90 3.94 6.89
C PRO A 36 6.59 2.62 6.64
N VAL A 37 7.02 2.42 5.40
CA VAL A 37 7.70 1.21 4.95
C VAL A 37 9.00 1.66 4.30
N THR A 38 10.11 1.07 4.69
CA THR A 38 11.41 1.41 4.11
C THR A 38 11.61 0.62 2.83
N LEU A 39 11.90 1.34 1.74
CA LEU A 39 12.13 0.75 0.43
C LEU A 39 13.46 1.21 -0.12
N SER A 40 14.10 0.34 -0.90
CA SER A 40 15.39 0.63 -1.50
C SER A 40 15.19 1.30 -2.86
N GLY A 41 16.00 2.33 -3.13
CA GLY A 41 15.88 3.02 -4.40
C GLY A 41 16.23 2.13 -5.58
N GLY A 42 15.55 2.37 -6.70
CA GLY A 42 15.91 1.74 -7.95
C GLY A 42 15.19 0.45 -8.29
N ILE A 43 14.39 -0.08 -7.38
CA ILE A 43 13.71 -1.36 -7.60
C ILE A 43 12.33 -1.11 -8.19
N GLN A 44 11.84 -2.12 -8.92
CA GLN A 44 10.42 -2.19 -9.29
C GLN A 44 9.70 -2.96 -8.19
N PHE A 45 8.93 -2.25 -7.37
CA PHE A 45 8.34 -2.82 -6.17
C PHE A 45 6.88 -3.20 -6.45
N GLU A 46 6.55 -4.48 -6.22
CA GLU A 46 5.21 -4.99 -6.51
C GLU A 46 4.43 -5.22 -5.22
N TYR A 47 3.14 -4.86 -5.26
CA TYR A 47 2.32 -4.92 -4.07
C TYR A 47 0.84 -4.96 -4.48
N LYS A 48 0.00 -5.27 -3.50
CA LYS A 48 -1.46 -5.18 -3.65
C LYS A 48 -2.05 -4.81 -2.30
N PHE A 49 -3.31 -4.43 -2.34
CA PHE A 49 -4.12 -4.27 -1.15
C PHE A 49 -5.15 -5.39 -1.09
N VAL A 50 -5.57 -5.74 0.13
CA VAL A 50 -6.61 -6.73 0.37
C VAL A 50 -7.64 -6.05 1.27
N MET A 51 -8.88 -5.96 0.80
CA MET A 51 -9.91 -5.12 1.41
C MET A 51 -11.04 -6.02 1.89
N ASP A 52 -11.23 -6.07 3.20
CA ASP A 52 -12.16 -7.02 3.79
C ASP A 52 -11.98 -8.41 3.17
N ASN A 53 -10.73 -8.82 3.07
CA ASN A 53 -10.32 -10.14 2.60
C ASN A 53 -10.40 -10.32 1.09
N GLU A 54 -10.80 -9.31 0.33
CA GLU A 54 -10.88 -9.38 -1.13
C GLU A 54 -9.58 -8.85 -1.72
N TRP A 55 -8.93 -9.66 -2.55
CA TRP A 55 -7.74 -9.18 -3.26
C TRP A 55 -8.11 -8.09 -4.26
N LEU A 56 -7.27 -7.06 -4.32
CA LEU A 56 -7.32 -6.14 -5.45
C LEU A 56 -7.17 -6.93 -6.73
N ALA A 57 -8.07 -6.68 -7.67
CA ALA A 57 -8.07 -7.43 -8.92
C ALA A 57 -6.96 -6.94 -9.84
N GLY A 58 -6.45 -7.86 -10.64
CA GLY A 58 -5.54 -7.53 -11.73
C GLY A 58 -4.09 -7.87 -11.45
N ASP A 59 -3.22 -7.27 -12.25
CA ASP A 59 -1.79 -7.40 -12.01
C ASP A 59 -1.42 -6.73 -10.70
N ASN A 60 -0.34 -7.20 -10.08
CA ASN A 60 0.22 -6.46 -8.96
C ASN A 60 0.44 -5.00 -9.34
N LEU A 61 0.20 -4.12 -8.39
CA LEU A 61 0.63 -2.73 -8.55
C LEU A 61 2.14 -2.66 -8.55
N ARG A 62 2.67 -1.67 -9.25
CA ARG A 62 4.10 -1.51 -9.42
C ARG A 62 4.49 -0.08 -9.07
N PHE A 63 5.51 0.07 -8.24
CA PHE A 63 6.10 1.35 -7.89
C PHE A 63 7.59 1.29 -8.16
N GLN A 64 8.05 2.11 -9.06
CA GLN A 64 9.47 2.25 -9.32
C GLN A 64 10.03 3.19 -8.26
N VAL A 65 10.79 2.64 -7.32
CA VAL A 65 11.18 3.40 -6.12
C VAL A 65 12.26 4.40 -6.50
N PRO A 66 12.09 5.71 -6.26
CA PRO A 66 13.07 6.68 -6.77
C PRO A 66 14.27 6.88 -5.88
N GLN A 67 14.20 6.55 -4.60
CA GLN A 67 15.31 6.75 -3.68
C GLN A 67 15.05 5.93 -2.43
N THR A 68 16.13 5.51 -1.79
CA THR A 68 16.00 4.73 -0.57
C THR A 68 15.43 5.61 0.54
N GLY A 69 14.47 5.09 1.27
CA GLY A 69 13.82 5.86 2.31
C GLY A 69 12.50 5.25 2.69
N ASP A 70 11.73 6.02 3.46
CA ASP A 70 10.48 5.52 4.02
C ASP A 70 9.33 6.06 3.19
N TYR A 71 8.32 5.23 3.01
CA TYR A 71 7.16 5.59 2.22
C TYR A 71 5.87 5.16 2.91
N VAL A 72 4.82 5.93 2.71
CA VAL A 72 3.48 5.57 3.15
C VAL A 72 2.63 5.23 1.94
N PHE A 73 2.03 4.04 1.95
CA PHE A 73 1.20 3.55 0.87
C PHE A 73 -0.24 3.97 1.11
N TYR A 74 -0.89 4.49 0.06
CA TYR A 74 -2.25 4.97 0.12
C TYR A 74 -3.17 4.11 -0.74
N PHE A 75 -4.38 3.87 -0.24
CA PHE A 75 -5.40 3.15 -0.97
C PHE A 75 -6.67 3.99 -1.00
N ASP A 76 -7.19 4.21 -2.21
CA ASP A 76 -8.38 5.02 -2.46
C ASP A 76 -9.46 4.07 -2.90
N PRO A 77 -10.49 3.83 -2.08
CA PRO A 77 -11.55 2.89 -2.50
C PRO A 77 -12.25 3.27 -3.79
N SER A 78 -12.19 4.54 -4.19
CA SER A 78 -12.82 5.00 -5.41
C SER A 78 -11.90 4.95 -6.63
N ASP A 79 -10.62 4.59 -6.47
CA ASP A 79 -9.65 4.57 -7.58
C ASP A 79 -8.61 3.53 -7.19
N GLN A 80 -8.99 2.26 -7.34
CA GLN A 80 -8.35 1.20 -6.58
C GLN A 80 -7.01 0.75 -7.14
N ARG A 81 -6.68 1.08 -8.38
CA ARG A 81 -5.38 0.72 -8.91
C ARG A 81 -4.38 1.87 -8.94
N LYS A 82 -4.68 2.97 -8.27
CA LYS A 82 -3.77 4.10 -8.21
C LYS A 82 -2.51 3.73 -7.43
N VAL A 83 -1.36 4.16 -7.93
CA VAL A 83 -0.09 4.02 -7.25
C VAL A 83 0.21 5.37 -6.58
N ASP A 84 -0.08 5.43 -5.27
CA ASP A 84 0.08 6.63 -4.46
C ASP A 84 0.92 6.14 -3.28
N VAL A 85 2.20 6.45 -3.34
CA VAL A 85 3.16 5.95 -2.38
C VAL A 85 4.04 7.16 -2.04
N ARG A 86 3.90 7.69 -0.83
CA ARG A 86 4.40 9.02 -0.54
C ARG A 86 5.66 8.97 0.29
N PRO A 87 6.75 9.59 -0.13
CA PRO A 87 7.95 9.61 0.71
C PRO A 87 7.70 10.40 1.99
N VAL A 88 8.23 9.90 3.10
CA VAL A 88 8.09 10.55 4.38
C VAL A 88 9.46 10.61 5.07
N THR A 89 9.50 11.35 6.18
CA THR A 89 10.71 11.50 6.98
C THR A 89 11.15 10.15 7.54
#